data_5PA6
#
_entry.id   5PA6
#
_cell.length_a   50.743
_cell.length_b   55.863
_cell.length_c   78.779
_cell.angle_alpha   90.000
_cell.angle_beta   90.000
_cell.angle_gamma   90.000
#
_symmetry.space_group_name_H-M   'P 21 21 21'
#
loop_
_entity.id
_entity.type
_entity.pdbx_description
1 polymer 'Catechol O-methyltransferase'
2 non-polymer S-ADENOSYL-L-HOMOCYSTEINE
3 non-polymer 7-(4-fluorophenyl)quinoxalin-5-ol
4 non-polymer 'CHLORIDE ION'
5 non-polymer '2-[N-CYCLOHEXYLAMINO]ETHANE SULFONIC ACID'
6 non-polymer 'SULFATE ION'
7 non-polymer 'MAGNESIUM ION'
8 water water
#
_entity_poly.entity_id   1
_entity_poly.type   'polypeptide(L)'
_entity_poly.pdbx_seq_one_letter_code
;MGDTKEQRILRYVQQNAKPGDPQSVLEAIDTYCTQKEWAMNVGDAKGQIMDAVIREYSPSLVLELGAYCGYSAVRMARLL
QPGARLLTMEINPDCAAITQQMLNFAGLQDKVTILNGASQDLIPQLKKKYDVDTLDMVFLDHWKDRYLPDTLLLEKCGLL
RKGTVLLADNVIVPGTPDFLAYVRGSSSFECTHYSSYLEYMKVVDGLEKAIYQGPSSPDKS
;
_entity_poly.pdbx_strand_id   A
#
loop_
_chem_comp.id
_chem_comp.type
_chem_comp.name
_chem_comp.formula
7JW non-polymer 7-(4-fluorophenyl)quinoxalin-5-ol 'C14 H9 F N2 O'
CL non-polymer 'CHLORIDE ION' 'Cl -1'
MG non-polymer 'MAGNESIUM ION' 'Mg 2'
NHE non-polymer '2-[N-CYCLOHEXYLAMINO]ETHANE SULFONIC ACID' 'C8 H17 N O3 S'
SO4 non-polymer 'SULFATE ION' 'O4 S -2'
#
# COMPACT_ATOMS: atom_id res chain seq x y z
N ASP A 3 -13.66 -20.98 -7.66
CA ASP A 3 -12.62 -20.10 -7.04
C ASP A 3 -12.97 -18.62 -7.19
N THR A 4 -12.15 -17.76 -6.56
CA THR A 4 -12.36 -16.31 -6.58
C THR A 4 -11.46 -15.61 -7.59
N LYS A 5 -11.79 -14.35 -7.87
CA LYS A 5 -10.97 -13.50 -8.73
CA LYS A 5 -10.96 -13.52 -8.74
C LYS A 5 -9.53 -13.43 -8.22
N GLU A 6 -9.38 -13.31 -6.91
CA GLU A 6 -8.07 -13.15 -6.29
C GLU A 6 -7.23 -14.40 -6.49
N GLN A 7 -7.85 -15.57 -6.33
CA GLN A 7 -7.16 -16.83 -6.60
C GLN A 7 -6.77 -16.96 -8.07
N ARG A 8 -7.67 -16.54 -8.97
CA ARG A 8 -7.39 -16.56 -10.42
C ARG A 8 -6.20 -15.68 -10.80
N ILE A 9 -6.08 -14.51 -10.15
CA ILE A 9 -4.92 -13.63 -10.36
C ILE A 9 -3.62 -14.34 -9.93
N LEU A 10 -3.64 -14.94 -8.74
CA LEU A 10 -2.46 -15.67 -8.25
C LEU A 10 -2.09 -16.81 -9.18
N ARG A 11 -3.07 -17.61 -9.60
CA ARG A 11 -2.80 -18.75 -10.49
C ARG A 11 -2.22 -18.26 -11.81
N TYR A 12 -2.76 -17.17 -12.37
CA TYR A 12 -2.22 -16.61 -13.62
C TYR A 12 -0.75 -16.22 -13.48
N VAL A 13 -0.40 -15.59 -12.36
CA VAL A 13 1.00 -15.22 -12.06
C VAL A 13 1.88 -16.47 -12.03
N GLN A 14 1.43 -17.50 -11.33
CA GLN A 14 2.17 -18.75 -11.24
C GLN A 14 2.36 -19.43 -12.60
N GLN A 15 1.37 -19.29 -13.48
CA GLN A 15 1.42 -19.85 -14.84
C GLN A 15 2.21 -19.02 -15.86
N ASN A 16 2.40 -17.71 -15.60
CA ASN A 16 2.98 -16.79 -16.61
C ASN A 16 4.22 -16.00 -16.20
N ALA A 17 4.50 -15.86 -14.91
CA ALA A 17 5.64 -15.05 -14.45
C ALA A 17 6.84 -15.93 -14.06
N LYS A 18 7.97 -15.28 -13.81
CA LYS A 18 9.21 -15.93 -13.41
C LYS A 18 9.41 -15.80 -11.90
N PRO A 19 9.59 -16.92 -11.18
CA PRO A 19 9.90 -16.82 -9.75
C PRO A 19 11.16 -16.00 -9.46
N GLY A 20 11.11 -15.15 -8.43
CA GLY A 20 12.24 -14.30 -8.06
C GLY A 20 12.43 -13.04 -8.89
N ASP A 21 11.45 -12.74 -9.76
CA ASP A 21 11.51 -11.62 -10.69
C ASP A 21 10.27 -10.74 -10.43
N PRO A 22 10.40 -9.75 -9.52
CA PRO A 22 9.25 -8.89 -9.19
C PRO A 22 8.60 -8.18 -10.39
N GLN A 23 9.40 -7.71 -11.34
CA GLN A 23 8.85 -7.03 -12.52
C GLN A 23 7.94 -7.94 -13.34
N SER A 24 8.33 -9.20 -13.50
CA SER A 24 7.50 -10.17 -14.24
C SER A 24 6.18 -10.46 -13.50
N VAL A 25 6.23 -10.44 -12.17
CA VAL A 25 5.01 -10.61 -11.36
C VAL A 25 4.05 -9.42 -11.57
N LEU A 26 4.58 -8.21 -11.51
CA LEU A 26 3.77 -7.00 -11.72
C LEU A 26 3.15 -6.97 -13.12
N GLU A 27 3.96 -7.32 -14.13
CA GLU A 27 3.47 -7.37 -15.52
C GLU A 27 2.37 -8.40 -15.72
N ALA A 28 2.52 -9.58 -15.11
CA ALA A 28 1.51 -10.63 -15.20
C ALA A 28 0.19 -10.19 -14.57
N ILE A 29 0.26 -9.54 -13.41
CA ILE A 29 -0.95 -9.05 -12.74
C ILE A 29 -1.62 -7.98 -13.60
N ASP A 30 -0.86 -7.02 -14.08
CA ASP A 30 -1.42 -5.95 -14.92
C ASP A 30 -2.00 -6.47 -16.23
N THR A 31 -1.35 -7.48 -16.83
CA THR A 31 -1.88 -8.11 -18.03
C THR A 31 -3.22 -8.79 -17.75
N TYR A 32 -3.26 -9.62 -16.70
CA TYR A 32 -4.49 -10.30 -16.32
C TYR A 32 -5.63 -9.30 -16.06
N CYS A 33 -5.30 -8.24 -15.33
CA CYS A 33 -6.33 -7.30 -14.91
C CYS A 33 -6.75 -6.33 -16.01
N THR A 34 -5.92 -6.17 -17.05
CA THR A 34 -6.29 -5.43 -18.25
C THR A 34 -7.13 -6.28 -19.22
N GLN A 35 -6.74 -7.54 -19.40
CA GLN A 35 -7.32 -8.40 -20.44
C GLN A 35 -8.47 -9.30 -19.97
N LYS A 36 -8.46 -9.72 -18.71
CA LYS A 36 -9.41 -10.73 -18.21
C LYS A 36 -10.42 -10.17 -17.20
N GLU A 37 -9.94 -9.66 -16.07
CA GLU A 37 -10.82 -9.16 -14.99
C GLU A 37 -10.19 -7.97 -14.29
N TRP A 38 -10.92 -6.85 -14.26
CA TRP A 38 -10.51 -5.68 -13.48
C TRP A 38 -10.34 -6.06 -12.02
N ALA A 39 -9.34 -5.47 -11.37
CA ALA A 39 -9.17 -5.63 -9.93
C ALA A 39 -8.53 -4.36 -9.34
N MET A 40 -8.72 -4.17 -8.04
CA MET A 40 -8.36 -2.92 -7.36
C MET A 40 -6.87 -2.83 -6.93
N ASN A 41 -5.97 -3.32 -7.79
CA ASN A 41 -4.54 -3.11 -7.59
C ASN A 41 -4.27 -1.64 -7.89
N VAL A 42 -3.27 -1.06 -7.24
CA VAL A 42 -2.97 0.35 -7.50
C VAL A 42 -2.64 0.61 -8.99
N GLY A 43 -2.10 -0.38 -9.68
CA GLY A 43 -1.90 -0.30 -11.12
C GLY A 43 -0.61 0.38 -11.50
N ASP A 44 -0.28 0.36 -12.78
CA ASP A 44 1.01 0.85 -13.24
C ASP A 44 1.13 2.38 -13.26
N ALA A 45 0.05 3.09 -13.60
CA ALA A 45 0.10 4.56 -13.66
C ALA A 45 0.36 5.17 -12.28
N LYS A 46 -0.50 4.85 -11.33
CA LYS A 46 -0.26 5.29 -9.95
C LYS A 46 0.97 4.60 -9.33
N GLY A 47 1.22 3.35 -9.72
CA GLY A 47 2.43 2.63 -9.28
C GLY A 47 3.72 3.33 -9.60
N GLN A 48 3.81 3.94 -10.78
CA GLN A 48 5.01 4.70 -11.17
C GLN A 48 5.23 5.92 -10.27
N ILE A 49 4.15 6.55 -9.83
CA ILE A 49 4.24 7.67 -8.90
C ILE A 49 4.72 7.17 -7.54
N MET A 50 4.15 6.06 -7.08
CA MET A 50 4.59 5.44 -5.84
CA MET A 50 4.56 5.38 -5.85
C MET A 50 6.07 5.09 -5.89
N ASP A 51 6.52 4.52 -7.01
CA ASP A 51 7.94 4.18 -7.21
C ASP A 51 8.83 5.40 -7.01
N ALA A 52 8.43 6.52 -7.62
CA ALA A 52 9.20 7.76 -7.57
C ALA A 52 9.26 8.33 -6.13
N VAL A 53 8.15 8.23 -5.40
CA VAL A 53 8.10 8.68 -4.01
C VAL A 53 8.96 7.80 -3.11
N ILE A 54 8.85 6.48 -3.27
CA ILE A 54 9.66 5.52 -2.51
C ILE A 54 11.17 5.79 -2.72
N ARG A 55 11.56 5.98 -3.97
CA ARG A 55 12.96 6.28 -4.31
C ARG A 55 13.43 7.61 -3.70
N GLU A 56 12.56 8.62 -3.68
CA GLU A 56 12.92 9.93 -3.12
C GLU A 56 13.21 9.85 -1.62
N TYR A 57 12.36 9.13 -0.87
CA TYR A 57 12.45 9.13 0.59
C TYR A 57 13.29 8.01 1.18
N SER A 58 13.50 6.92 0.43
CA SER A 58 14.29 5.78 0.89
CA SER A 58 14.29 5.78 0.89
C SER A 58 13.91 5.38 2.32
N PRO A 59 12.63 5.02 2.52
CA PRO A 59 12.17 4.66 3.88
C PRO A 59 12.76 3.36 4.40
N SER A 60 13.18 3.34 5.66
CA SER A 60 13.66 2.12 6.29
C SER A 60 12.51 1.19 6.73
N LEU A 61 11.39 1.78 7.13
CA LEU A 61 10.22 1.01 7.58
C LEU A 61 8.94 1.60 6.99
N VAL A 62 8.23 0.80 6.20
CA VAL A 62 6.98 1.19 5.56
C VAL A 62 5.85 0.33 6.10
N LEU A 63 4.70 0.95 6.35
CA LEU A 63 3.48 0.25 6.70
C LEU A 63 2.48 0.41 5.56
N GLU A 64 1.94 -0.69 5.06
CA GLU A 64 0.84 -0.67 4.08
C GLU A 64 -0.45 -1.11 4.76
N LEU A 65 -1.52 -0.34 4.53
CA LEU A 65 -2.86 -0.69 4.98
C LEU A 65 -3.66 -1.16 3.77
N GLY A 66 -3.91 -2.47 3.70
CA GLY A 66 -4.65 -3.08 2.59
C GLY A 66 -3.71 -3.73 1.59
N ALA A 67 -3.60 -5.06 1.65
CA ALA A 67 -2.67 -5.83 0.80
C ALA A 67 -3.31 -6.39 -0.47
N TYR A 68 -4.53 -6.91 -0.33
CA TYR A 68 -5.27 -7.54 -1.41
C TYR A 68 -4.49 -8.75 -1.97
N CYS A 69 -3.98 -8.67 -3.20
CA CYS A 69 -3.23 -9.79 -3.80
C CYS A 69 -1.72 -9.58 -3.76
N GLY A 70 -1.27 -8.48 -3.17
CA GLY A 70 0.15 -8.21 -2.98
C GLY A 70 0.81 -7.34 -4.05
N TYR A 71 0.04 -6.86 -5.02
CA TYR A 71 0.59 -6.03 -6.10
C TYR A 71 1.38 -4.82 -5.58
N SER A 72 0.76 -4.00 -4.74
CA SER A 72 1.46 -2.82 -4.20
C SER A 72 2.61 -3.21 -3.26
N ALA A 73 2.47 -4.31 -2.53
CA ALA A 73 3.55 -4.80 -1.68
C ALA A 73 4.77 -5.22 -2.51
N VAL A 74 4.55 -5.92 -3.61
CA VAL A 74 5.64 -6.25 -4.55
C VAL A 74 6.25 -4.97 -5.11
N ARG A 75 5.39 -4.02 -5.53
CA ARG A 75 5.83 -2.74 -6.08
CA ARG A 75 5.85 -2.74 -6.09
C ARG A 75 6.79 -2.01 -5.13
N MET A 76 6.40 -1.89 -3.87
CA MET A 76 7.20 -1.17 -2.88
C MET A 76 8.41 -1.96 -2.42
N ALA A 77 8.22 -3.24 -2.11
CA ALA A 77 9.30 -4.08 -1.56
C ALA A 77 10.49 -4.20 -2.50
N ARG A 78 10.24 -4.23 -3.82
CA ARG A 78 11.32 -4.34 -4.81
C ARG A 78 12.24 -3.11 -4.86
N LEU A 79 11.76 -1.96 -4.38
CA LEU A 79 12.53 -0.72 -4.39
C LEU A 79 13.14 -0.34 -3.04
N LEU A 80 12.88 -1.11 -1.99
CA LEU A 80 13.46 -0.85 -0.68
C LEU A 80 14.97 -1.11 -0.70
N GLN A 81 15.72 -0.32 0.06
CA GLN A 81 17.17 -0.51 0.18
C GLN A 81 17.45 -1.77 1.00
N PRO A 82 18.65 -2.36 0.86
CA PRO A 82 18.99 -3.52 1.69
C PRO A 82 18.78 -3.24 3.18
N GLY A 83 18.10 -4.15 3.87
CA GLY A 83 17.81 -3.98 5.30
C GLY A 83 16.51 -3.25 5.62
N ALA A 84 15.95 -2.52 4.65
CA ALA A 84 14.66 -1.84 4.86
C ALA A 84 13.52 -2.86 4.78
N ARG A 85 12.40 -2.53 5.41
CA ARG A 85 11.33 -3.50 5.62
C ARG A 85 9.93 -2.91 5.37
N LEU A 86 9.02 -3.78 4.94
CA LEU A 86 7.60 -3.43 4.75
C LEU A 86 6.74 -4.30 5.66
N LEU A 87 5.79 -3.66 6.35
CA LEU A 87 4.74 -4.35 7.08
C LEU A 87 3.46 -4.07 6.33
N THR A 88 2.65 -5.11 6.09
CA THR A 88 1.38 -4.92 5.39
CA THR A 88 1.42 -5.00 5.34
C THR A 88 0.27 -5.62 6.14
N MET A 89 -0.84 -4.90 6.30
CA MET A 89 -2.00 -5.37 7.06
C MET A 89 -3.15 -5.68 6.11
N GLU A 90 -3.76 -6.85 6.30
CA GLU A 90 -4.86 -7.32 5.47
C GLU A 90 -5.88 -8.07 6.32
N ILE A 91 -7.12 -7.57 6.30
CA ILE A 91 -8.20 -8.06 7.14
C ILE A 91 -8.80 -9.37 6.62
N ASN A 92 -8.74 -9.58 5.30
CA ASN A 92 -9.32 -10.78 4.69
C ASN A 92 -8.24 -11.89 4.71
N PRO A 93 -8.50 -12.99 5.44
CA PRO A 93 -7.45 -14.02 5.57
C PRO A 93 -7.06 -14.69 4.25
N ASP A 94 -8.01 -14.86 3.34
CA ASP A 94 -7.71 -15.42 2.02
C ASP A 94 -6.76 -14.52 1.23
N CYS A 95 -7.00 -13.21 1.30
CA CYS A 95 -6.12 -12.24 0.68
C CYS A 95 -4.75 -12.16 1.36
N ALA A 96 -4.72 -12.30 2.68
CA ALA A 96 -3.43 -12.34 3.40
C ALA A 96 -2.56 -13.49 2.91
N ALA A 97 -3.18 -14.66 2.76
CA ALA A 97 -2.48 -15.84 2.24
C ALA A 97 -2.05 -15.66 0.79
N ILE A 98 -2.91 -15.09 -0.06
CA ILE A 98 -2.55 -14.80 -1.45
C ILE A 98 -1.37 -13.82 -1.52
N THR A 99 -1.41 -12.77 -0.71
CA THR A 99 -0.33 -11.79 -0.65
C THR A 99 0.99 -12.45 -0.24
N GLN A 100 0.96 -13.30 0.78
CA GLN A 100 2.17 -14.03 1.18
C GLN A 100 2.73 -14.86 0.05
N GLN A 101 1.86 -15.58 -0.64
CA GLN A 101 2.27 -16.42 -1.75
C GLN A 101 2.81 -15.60 -2.92
N MET A 102 2.20 -14.44 -3.15
CA MET A 102 2.66 -13.54 -4.23
C MET A 102 4.06 -13.02 -3.95
N LEU A 103 4.31 -12.61 -2.70
CA LEU A 103 5.61 -12.14 -2.28
C LEU A 103 6.64 -13.27 -2.28
N ASN A 104 6.23 -14.47 -1.87
CA ASN A 104 7.08 -15.66 -1.98
C ASN A 104 7.50 -15.89 -3.42
N PHE A 105 6.53 -15.88 -4.33
CA PHE A 105 6.80 -16.09 -5.75
C PHE A 105 7.79 -15.05 -6.28
N ALA A 106 7.59 -13.79 -5.88
CA ALA A 106 8.46 -12.69 -6.30
C ALA A 106 9.86 -12.69 -5.67
N GLY A 107 10.07 -13.51 -4.64
CA GLY A 107 11.35 -13.58 -3.94
C GLY A 107 11.60 -12.45 -2.95
N LEU A 108 10.52 -11.79 -2.51
CA LEU A 108 10.61 -10.60 -1.64
C LEU A 108 10.18 -10.87 -0.19
N GLN A 109 9.94 -12.14 0.13
CA GLN A 109 9.43 -12.56 1.44
C GLN A 109 10.28 -12.17 2.64
N ASP A 110 11.60 -12.08 2.49
CA ASP A 110 12.46 -11.66 3.60
C ASP A 110 12.40 -10.15 3.90
N LYS A 111 11.83 -9.36 2.98
CA LYS A 111 11.67 -7.91 3.16
C LYS A 111 10.30 -7.49 3.70
N VAL A 112 9.34 -8.43 3.73
CA VAL A 112 7.95 -8.10 4.06
C VAL A 112 7.40 -8.99 5.16
N THR A 113 6.61 -8.40 6.05
CA THR A 113 5.80 -9.14 7.01
C THR A 113 4.35 -8.85 6.69
N ILE A 114 3.56 -9.90 6.49
CA ILE A 114 2.14 -9.78 6.20
C ILE A 114 1.36 -10.09 7.47
N LEU A 115 0.64 -9.08 7.96
CA LEU A 115 -0.15 -9.21 9.18
C LEU A 115 -1.60 -9.47 8.81
N ASN A 116 -2.12 -10.60 9.29
CA ASN A 116 -3.49 -11.00 9.07
C ASN A 116 -4.37 -10.40 10.18
N GLY A 117 -5.22 -9.45 9.81
CA GLY A 117 -6.11 -8.79 10.77
C GLY A 117 -6.52 -7.38 10.36
N ALA A 118 -7.40 -6.79 11.16
CA ALA A 118 -7.87 -5.43 10.94
C ALA A 118 -6.82 -4.43 11.40
N SER A 119 -6.58 -3.40 10.60
CA SER A 119 -5.61 -2.34 10.94
C SER A 119 -5.87 -1.72 12.31
N GLN A 120 -7.13 -1.47 12.63
CA GLN A 120 -7.49 -0.89 13.93
C GLN A 120 -7.12 -1.79 15.13
N ASP A 121 -7.05 -3.10 14.92
CA ASP A 121 -6.61 -4.04 15.96
C ASP A 121 -5.10 -4.28 15.97
N LEU A 122 -4.47 -4.21 14.79
CA LEU A 122 -3.04 -4.49 14.65
C LEU A 122 -2.15 -3.28 14.96
N ILE A 123 -2.61 -2.08 14.58
CA ILE A 123 -1.82 -0.86 14.79
C ILE A 123 -1.40 -0.69 16.27
N PRO A 124 -2.32 -0.89 17.23
CA PRO A 124 -1.93 -0.80 18.65
C PRO A 124 -0.94 -1.86 19.16
N GLN A 125 -0.69 -2.90 18.37
CA GLN A 125 0.28 -3.95 18.71
C GLN A 125 1.65 -3.78 18.05
N LEU A 126 1.83 -2.78 17.18
CA LEU A 126 3.08 -2.67 16.41
C LEU A 126 4.32 -2.45 17.27
N LYS A 127 4.20 -1.62 18.30
CA LYS A 127 5.34 -1.36 19.18
C LYS A 127 5.75 -2.57 20.03
N LYS A 128 4.77 -3.25 20.62
CA LYS A 128 5.06 -4.37 21.53
C LYS A 128 5.35 -5.69 20.81
N LYS A 129 4.46 -6.08 19.89
CA LYS A 129 4.59 -7.38 19.21
C LYS A 129 5.59 -7.38 18.06
N TYR A 130 5.67 -6.28 17.31
CA TYR A 130 6.49 -6.21 16.10
C TYR A 130 7.73 -5.30 16.24
N ASP A 131 7.99 -4.84 17.46
CA ASP A 131 9.19 -4.07 17.80
C ASP A 131 9.40 -2.81 16.95
N VAL A 132 8.29 -2.13 16.64
CA VAL A 132 8.32 -0.89 15.87
C VAL A 132 8.55 0.29 16.82
N ASP A 133 9.43 1.21 16.43
CA ASP A 133 9.56 2.51 17.10
C ASP A 133 8.63 3.49 16.37
N THR A 134 9.08 4.04 15.24
CA THR A 134 8.24 4.88 14.38
C THR A 134 8.33 4.45 12.94
N LEU A 135 7.32 4.85 12.17
CA LEU A 135 7.23 4.52 10.76
C LEU A 135 7.81 5.65 9.92
N ASP A 136 8.51 5.30 8.86
CA ASP A 136 9.03 6.28 7.91
C ASP A 136 8.01 6.64 6.84
N MET A 137 7.18 5.66 6.46
CA MET A 137 6.19 5.85 5.42
C MET A 137 4.99 4.96 5.68
N VAL A 138 3.80 5.45 5.33
CA VAL A 138 2.56 4.68 5.40
C VAL A 138 1.85 4.79 4.05
N PHE A 139 1.48 3.65 3.47
CA PHE A 139 0.65 3.62 2.27
C PHE A 139 -0.77 3.24 2.69
N LEU A 140 -1.71 4.18 2.54
CA LEU A 140 -3.11 3.94 2.88
CA LEU A 140 -3.12 3.96 2.87
C LEU A 140 -3.87 3.53 1.62
N ASP A 141 -4.41 2.30 1.64
CA ASP A 141 -5.11 1.77 0.47
C ASP A 141 -6.09 0.66 0.86
N HIS A 142 -6.80 0.89 1.95
CA HIS A 142 -7.80 -0.05 2.49
C HIS A 142 -9.18 0.59 2.33
N TRP A 143 -10.18 0.24 3.13
CA TRP A 143 -11.49 0.85 2.94
C TRP A 143 -11.41 2.33 3.30
N LYS A 144 -12.08 3.16 2.50
CA LYS A 144 -11.85 4.60 2.51
C LYS A 144 -12.31 5.27 3.80
N ASP A 145 -13.29 4.67 4.48
CA ASP A 145 -13.74 5.16 5.78
C ASP A 145 -12.75 4.92 6.93
N ARG A 146 -11.66 4.17 6.69
CA ARG A 146 -10.65 3.90 7.71
CA ARG A 146 -10.65 3.90 7.72
C ARG A 146 -9.43 4.82 7.58
N TYR A 147 -9.31 5.58 6.50
CA TYR A 147 -8.10 6.41 6.32
C TYR A 147 -7.92 7.40 7.47
N LEU A 148 -8.97 8.15 7.78
CA LEU A 148 -8.87 9.14 8.86
C LEU A 148 -8.76 8.49 10.23
N PRO A 149 -9.67 7.55 10.58
CA PRO A 149 -9.51 6.91 11.89
C PRO A 149 -8.14 6.26 12.11
N ASP A 150 -7.60 5.57 11.11
CA ASP A 150 -6.29 4.93 11.27
C ASP A 150 -5.15 5.92 11.34
N THR A 151 -5.24 7.04 10.61
CA THR A 151 -4.24 8.11 10.72
C THR A 151 -4.20 8.64 12.15
N LEU A 152 -5.38 8.88 12.72
CA LEU A 152 -5.48 9.38 14.09
C LEU A 152 -4.98 8.35 15.11
N LEU A 153 -5.25 7.07 14.82
CA LEU A 153 -4.79 5.97 15.67
C LEU A 153 -3.27 5.82 15.63
N LEU A 154 -2.69 5.92 14.43
CA LEU A 154 -1.23 5.91 14.29
C LEU A 154 -0.56 7.00 15.12
N GLU A 155 -1.13 8.21 15.08
CA GLU A 155 -0.63 9.31 15.89
C GLU A 155 -0.76 9.00 17.38
N LYS A 156 -1.95 8.56 17.80
CA LYS A 156 -2.20 8.24 19.22
C LYS A 156 -1.19 7.22 19.77
N CYS A 157 -0.89 6.21 18.95
CA CYS A 157 0.02 5.13 19.32
C CYS A 157 1.52 5.51 19.29
N GLY A 158 1.84 6.73 18.87
CA GLY A 158 3.22 7.19 18.85
C GLY A 158 4.04 6.62 17.69
N LEU A 159 3.36 6.25 16.62
CA LEU A 159 4.01 5.58 15.47
C LEU A 159 4.47 6.55 14.38
N LEU A 160 4.01 7.79 14.43
CA LEU A 160 4.43 8.81 13.49
C LEU A 160 5.55 9.64 14.10
N ARG A 161 6.51 10.03 13.27
CA ARG A 161 7.57 10.95 13.67
C ARG A 161 7.48 12.17 12.75
N LYS A 162 8.13 13.25 13.16
CA LYS A 162 8.33 14.40 12.29
C LYS A 162 8.97 13.88 10.99
N GLY A 163 8.29 14.12 9.87
CA GLY A 163 8.76 13.66 8.57
C GLY A 163 8.18 12.36 8.02
N THR A 164 7.40 11.63 8.82
CA THR A 164 6.72 10.43 8.32
C THR A 164 5.86 10.79 7.10
N VAL A 165 6.04 10.04 6.01
CA VAL A 165 5.32 10.29 4.77
C VAL A 165 4.08 9.38 4.70
N LEU A 166 2.89 9.98 4.71
CA LEU A 166 1.66 9.25 4.38
C LEU A 166 1.43 9.38 2.88
N LEU A 167 1.16 8.27 2.21
CA LEU A 167 0.79 8.27 0.80
C LEU A 167 -0.55 7.55 0.70
N ALA A 168 -1.57 8.26 0.22
CA ALA A 168 -2.95 7.76 0.20
C ALA A 168 -3.45 7.52 -1.22
N ASP A 169 -3.89 6.30 -1.51
CA ASP A 169 -4.48 6.01 -2.82
C ASP A 169 -5.94 6.44 -2.86
N ASN A 170 -6.44 6.65 -4.07
CA ASN A 170 -7.88 6.78 -4.32
C ASN A 170 -8.49 8.02 -3.68
N VAL A 171 -7.75 9.12 -3.61
CA VAL A 171 -8.31 10.32 -3.00
C VAL A 171 -9.29 11.05 -3.92
N ILE A 172 -9.40 10.64 -5.19
CA ILE A 172 -10.44 11.14 -6.11
C ILE A 172 -11.54 10.10 -6.32
N VAL A 173 -11.15 8.88 -6.69
CA VAL A 173 -12.11 7.78 -6.92
CA VAL A 173 -12.11 7.79 -6.91
C VAL A 173 -11.60 6.51 -6.22
N PRO A 174 -12.38 5.92 -5.28
CA PRO A 174 -13.70 6.38 -4.80
C PRO A 174 -13.71 7.68 -3.99
N GLY A 175 -12.54 8.15 -3.56
CA GLY A 175 -12.44 9.34 -2.73
C GLY A 175 -12.45 8.98 -1.27
N THR A 176 -11.89 9.87 -0.47
CA THR A 176 -11.85 9.71 0.99
CA THR A 176 -11.77 9.72 0.98
C THR A 176 -12.04 11.11 1.60
N PRO A 177 -13.29 11.63 1.49
CA PRO A 177 -13.53 13.04 1.80
C PRO A 177 -13.09 13.53 3.18
N ASP A 178 -13.36 12.77 4.24
CA ASP A 178 -12.98 13.22 5.58
C ASP A 178 -11.46 13.26 5.76
N PHE A 179 -10.76 12.22 5.31
CA PHE A 179 -9.29 12.18 5.38
C PHE A 179 -8.67 13.34 4.60
N LEU A 180 -9.13 13.53 3.36
CA LEU A 180 -8.51 14.53 2.51
C LEU A 180 -8.71 15.94 3.07
N ALA A 181 -9.93 16.23 3.52
CA ALA A 181 -10.21 17.53 4.16
C ALA A 181 -9.37 17.70 5.42
N TYR A 182 -9.26 16.64 6.21
CA TYR A 182 -8.52 16.70 7.45
C TYR A 182 -7.04 17.01 7.23
N VAL A 183 -6.36 16.22 6.40
CA VAL A 183 -4.92 16.44 6.22
C VAL A 183 -4.63 17.78 5.54
N ARG A 184 -5.45 18.18 4.58
CA ARG A 184 -5.26 19.47 3.88
C ARG A 184 -5.53 20.68 4.78
N GLY A 185 -6.39 20.51 5.79
CA GLY A 185 -6.68 21.58 6.75
C GLY A 185 -5.79 21.63 7.98
N SER A 186 -4.98 20.59 8.20
CA SER A 186 -4.22 20.43 9.44
C SER A 186 -2.82 21.02 9.33
N SER A 187 -2.44 21.84 10.30
CA SER A 187 -1.06 22.33 10.41
C SER A 187 -0.05 21.20 10.74
N SER A 188 -0.54 20.04 11.19
CA SER A 188 0.30 18.86 11.41
C SER A 188 0.70 18.11 10.13
N PHE A 189 0.18 18.50 8.96
CA PHE A 189 0.53 17.85 7.70
C PHE A 189 0.90 18.86 6.63
N GLU A 190 1.88 18.51 5.81
CA GLU A 190 2.18 19.25 4.57
C GLU A 190 1.80 18.33 3.41
N CYS A 191 0.85 18.79 2.60
CA CYS A 191 0.22 17.95 1.58
C CYS A 191 0.61 18.32 0.16
N THR A 192 0.71 17.29 -0.69
CA THR A 192 0.93 17.44 -2.13
C THR A 192 0.04 16.43 -2.85
N HIS A 193 -0.60 16.86 -3.94
CA HIS A 193 -1.48 15.99 -4.73
C HIS A 193 -0.80 15.57 -6.03
N TYR A 194 -0.87 14.27 -6.34
CA TYR A 194 -0.31 13.70 -7.56
C TYR A 194 -1.46 13.13 -8.40
N SER A 195 -1.84 13.86 -9.44
CA SER A 195 -2.94 13.46 -10.30
C SER A 195 -2.52 12.30 -11.19
N SER A 196 -3.41 11.32 -11.36
CA SER A 196 -3.10 10.15 -12.16
C SER A 196 -4.40 9.55 -12.69
N TYR A 197 -4.44 8.23 -12.86
CA TYR A 197 -5.60 7.55 -13.38
C TYR A 197 -5.92 6.32 -12.56
N LEU A 198 -7.21 6.06 -12.40
CA LEU A 198 -7.70 4.84 -11.79
C LEU A 198 -7.12 3.64 -12.54
N GLU A 199 -6.66 2.64 -11.77
CA GLU A 199 -6.11 1.42 -12.35
C GLU A 199 -6.98 0.84 -13.47
N TYR A 200 -6.34 0.58 -14.61
CA TYR A 200 -6.96 -0.07 -15.78
C TYR A 200 -8.16 0.67 -16.40
N MET A 201 -8.25 1.98 -16.15
CA MET A 201 -9.39 2.80 -16.58
CA MET A 201 -9.37 2.79 -16.62
C MET A 201 -8.95 4.19 -17.01
N LYS A 202 -9.66 4.77 -17.97
CA LYS A 202 -9.46 6.16 -18.37
C LYS A 202 -10.36 7.05 -17.51
N VAL A 203 -10.05 7.06 -16.21
CA VAL A 203 -10.79 7.83 -15.19
C VAL A 203 -9.74 8.47 -14.30
N VAL A 204 -9.88 9.78 -14.05
CA VAL A 204 -8.92 10.49 -13.22
C VAL A 204 -8.99 10.00 -11.77
N ASP A 205 -7.83 9.75 -11.19
CA ASP A 205 -7.70 9.50 -9.76
C ASP A 205 -6.46 10.27 -9.29
N GLY A 206 -6.06 10.09 -8.04
CA GLY A 206 -4.81 10.65 -7.59
C GLY A 206 -4.37 10.10 -6.26
N LEU A 207 -3.09 10.35 -5.96
CA LEU A 207 -2.50 10.05 -4.67
C LEU A 207 -2.30 11.35 -3.92
N GLU A 208 -2.52 11.31 -2.60
CA GLU A 208 -2.14 12.43 -1.74
C GLU A 208 -0.94 12.03 -0.91
N LYS A 209 0.10 12.85 -0.94
CA LYS A 209 1.22 12.73 -0.01
C LYS A 209 0.97 13.71 1.13
N ALA A 210 1.00 13.22 2.37
CA ALA A 210 0.80 14.07 3.55
C ALA A 210 1.94 13.77 4.51
N ILE A 211 2.83 14.75 4.68
CA ILE A 211 4.02 14.59 5.53
C ILE A 211 3.72 15.11 6.94
N TYR A 212 3.84 14.23 7.94
CA TYR A 212 3.54 14.59 9.32
C TYR A 212 4.58 15.57 9.87
N GLN A 213 4.09 16.60 10.56
CA GLN A 213 4.91 17.71 11.07
C GLN A 213 5.16 17.65 12.58
N GLY A 214 4.57 16.66 13.25
CA GLY A 214 4.68 16.53 14.71
C GLY A 214 3.46 17.13 15.39
N PRO A 215 3.36 16.96 16.72
CA PRO A 215 2.24 17.48 17.49
C PRO A 215 2.41 18.96 17.84
N SAH B . -2.84 -2.07 -1.86
CA SAH B . -3.40 -3.13 -2.75
CB SAH B . -4.91 -3.03 -2.94
CG SAH B . -5.68 -3.11 -1.63
SD SAH B . -7.40 -3.32 -1.94
C SAH B . -2.74 -3.01 -4.09
O SAH B . -2.29 -4.00 -4.65
OXT SAH B . -2.60 -1.91 -4.63
C5' SAH B . -8.11 -3.02 -0.34
C4' SAH B . -7.79 -4.10 0.69
O4' SAH B . -7.93 -3.55 2.01
C3' SAH B . -8.71 -5.32 0.64
O3' SAH B . -7.97 -6.54 0.42
C2' SAH B . -9.43 -5.32 2.00
O2' SAH B . -9.73 -6.61 2.51
C1' SAH B . -8.42 -4.58 2.86
N9 SAH B . -8.96 -3.94 4.07
C8 SAH B . -10.09 -3.26 4.19
N7 SAH B . -10.25 -2.78 5.44
C5 SAH B . -9.16 -3.13 6.13
C6 SAH B . -8.67 -2.97 7.50
N6 SAH B . -9.40 -2.28 8.39
N1 SAH B . -7.47 -3.52 7.83
C2 SAH B . -6.73 -4.21 6.93
N3 SAH B . -7.12 -4.41 5.66
C4 SAH B . -8.30 -3.90 5.22
C4 7JW C . -9.18 1.12 -5.51
C5 7JW C . -9.42 0.65 -4.22
C6 7JW C . -10.71 0.39 -3.79
C8 7JW C . -9.87 -0.26 -1.71
C13 7JW C . -12.67 2.32 -7.80
C15 7JW C . -14.79 1.60 -8.68
C17 7JW C . -13.73 0.37 -6.90
C1 7JW C . -10.26 1.32 -6.39
C2 7JW C . -11.58 1.06 -5.98
C3 7JW C . -11.78 0.59 -4.66
N7 7JW C . -10.91 -0.06 -2.53
C9 7JW C . -8.57 0.01 -2.14
N10 7JW C . -8.37 0.46 -3.39
C11 7JW C . -12.66 1.26 -6.88
O12 7JW C . -7.89 1.38 -5.88
C14 7JW C . -13.72 2.48 -8.69
C16 7JW C . -14.80 0.54 -7.79
F18 7JW C . -15.79 1.76 -9.55
CL CL D . -3.01 1.52 -14.63
C3' NHE E . -15.62 -0.07 -14.20
C2' NHE E . -16.19 -1.47 -14.41
C1' NHE E . -15.23 -2.53 -13.86
C6' NHE E . -14.93 -2.26 -12.39
N NHE E . -15.79 -3.86 -14.03
C1 NHE E . -15.17 -4.74 -14.99
C2 NHE E . -15.72 -6.16 -14.98
S NHE E . -14.96 -7.05 -16.16
O1 NHE E . -15.39 -6.56 -17.45
O2 NHE E . -15.31 -8.44 -16.05
O3 NHE E . -13.33 -6.88 -16.01
C5' NHE E . -14.42 -0.84 -12.15
C4' NHE E . -15.36 0.20 -12.73
S SO4 F . 17.97 -7.52 2.87
O1 SO4 F . 17.38 -8.70 2.21
O2 SO4 F . 19.17 -7.07 2.12
O3 SO4 F . 18.35 -7.85 4.26
O4 SO4 F . 16.96 -6.42 2.89
MG MG G . -6.51 1.64 -4.24
#